data_1M4N
#
_entry.id   1M4N
#
_cell.length_a   105.00
_cell.length_b   61.33
_cell.length_c   76.94
_cell.angle_alpha   90.00
_cell.angle_beta   123.48
_cell.angle_gamma   90.00
#
_symmetry.space_group_name_H-M   'C 1 2 1'
#
loop_
_entity.id
_entity.type
_entity.pdbx_description
1 polymer '1-aminocyclopropane-1-carboxylate synthase'
2 non-polymer "PYRIDOXAL-5'-PHOSPHATE"
3 non-polymer (2-AMINOOXY-ETHYL)-[5-(6-AMINO-PURIN-9-YL)-3,4-DIHYDROXY-TETRAHYDRO-FURAN-2-YLMETHYL]-METHYL-SULFONIUM
4 non-polymer '2-(N-MORPHOLINO)-ETHANESULFONIC ACID'
5 water water
#
_entity_poly.entity_id   1
_entity_poly.type   'polypeptide(L)'
_entity_poly.pdbx_seq_one_letter_code
;MRMLSRNATFNSHGQDSSYFLGWQEYEKNPYHEVHNTNGIIQMGLAENQLCFDLLESWLAKNPEAAAFKKNGESIFAELA
LFQDYHGLPAFKKAMVDFMAEIRGNKVTFDPNHLVLTAGATSANETFIFCLADPGEAVLIPTPYYPGFDRDLKWRTGVEI
VPIHCTSSNGFQITETALEEAYQEAEKRNLRVKGVLVTNPSNPLGTTMTRNELYLLLSFVEDKGIHLISDEIYSGTAFSS
PSFISVMEVLKDRNCDENSEVWQRVHVVYSLSKDLGLPGFRVGAIYSNDDMVVAAATKMSSFGLVSSQTQHLLSAMLSDK
KLTKNYIAENHKRLKQRQKKLVSGLQKSGISCLNGNAGLFCWVDMRHLLRSNTFEAEMELWKKIVYEVHLNISPGSSCHC
TEPGWFRVCFANLPERTLDLAMQRLKAFVGEYYNV
;
_entity_poly.pdbx_strand_id   A
#
# COMPACT_ATOMS: atom_id res chain seq x y z
N LEU A 4 31.44 10.17 -7.38
CA LEU A 4 30.00 9.86 -7.59
C LEU A 4 29.14 10.96 -6.97
N SER A 5 27.90 11.10 -7.43
CA SER A 5 27.01 12.12 -6.90
C SER A 5 26.64 11.79 -5.45
N ARG A 6 25.88 12.67 -4.81
CA ARG A 6 25.47 12.46 -3.43
C ARG A 6 24.46 11.31 -3.38
N ASN A 7 23.58 11.27 -4.38
CA ASN A 7 22.56 10.23 -4.47
C ASN A 7 23.16 8.83 -4.46
N ALA A 8 24.35 8.71 -5.03
CA ALA A 8 25.04 7.42 -5.10
C ALA A 8 25.41 6.86 -3.72
N THR A 9 25.53 7.75 -2.73
CA THR A 9 25.89 7.30 -1.38
C THR A 9 24.72 7.41 -0.41
N TYR A 19 16.80 -2.32 11.88
CA TYR A 19 15.52 -2.78 11.33
C TYR A 19 15.74 -3.75 10.18
N PHE A 20 17.00 -4.14 9.96
CA PHE A 20 17.33 -5.08 8.89
C PHE A 20 17.73 -6.43 9.48
N LEU A 21 17.86 -6.47 10.80
CA LEU A 21 18.25 -7.67 11.51
C LEU A 21 17.25 -8.80 11.27
N GLY A 22 15.96 -8.47 11.36
CA GLY A 22 14.93 -9.47 11.15
C GLY A 22 15.05 -10.20 9.82
N TRP A 23 15.30 -9.45 8.75
CA TRP A 23 15.43 -10.03 7.42
C TRP A 23 16.73 -10.79 7.19
N GLN A 24 17.85 -10.19 7.59
CA GLN A 24 19.14 -10.84 7.42
C GLN A 24 19.16 -12.18 8.14
N GLU A 25 18.46 -12.24 9.27
CA GLU A 25 18.39 -13.48 10.04
C GLU A 25 17.46 -14.43 9.30
N TYR A 26 16.46 -13.86 8.61
CA TYR A 26 15.50 -14.65 7.85
C TYR A 26 16.16 -15.37 6.67
N GLU A 27 16.92 -14.62 5.87
CA GLU A 27 17.59 -15.18 4.70
C GLU A 27 18.59 -16.28 5.09
N LYS A 28 19.25 -16.10 6.22
CA LYS A 28 20.22 -17.08 6.71
C LYS A 28 19.55 -18.37 7.15
N ASN A 29 18.38 -18.24 7.76
CA ASN A 29 17.64 -19.39 8.25
C ASN A 29 16.13 -19.27 7.99
N PRO A 30 15.72 -19.33 6.70
CA PRO A 30 14.32 -19.23 6.31
C PRO A 30 13.53 -20.51 6.59
N TYR A 31 12.32 -20.33 7.12
CA TYR A 31 11.46 -21.46 7.46
C TYR A 31 10.90 -22.23 6.26
N HIS A 32 10.78 -23.54 6.42
CA HIS A 32 10.23 -24.40 5.38
C HIS A 32 9.61 -25.64 6.01
N GLU A 33 8.35 -25.90 5.67
CA GLU A 33 7.60 -27.04 6.18
C GLU A 33 8.36 -28.36 6.16
N VAL A 34 9.29 -28.52 5.22
CA VAL A 34 10.03 -29.77 5.11
C VAL A 34 11.55 -29.62 5.07
N HIS A 35 12.04 -28.58 4.44
CA HIS A 35 13.49 -28.39 4.32
C HIS A 35 14.15 -27.57 5.42
N ASN A 36 13.37 -27.03 6.34
CA ASN A 36 13.91 -26.24 7.45
C ASN A 36 12.77 -25.80 8.37
N THR A 37 12.28 -26.74 9.17
CA THR A 37 11.18 -26.51 10.08
C THR A 37 11.51 -25.66 11.30
N ASN A 38 12.78 -25.33 11.46
CA ASN A 38 13.21 -24.50 12.60
C ASN A 38 13.53 -23.10 12.11
N GLY A 39 13.29 -22.88 10.82
CA GLY A 39 13.57 -21.57 10.24
C GLY A 39 12.64 -20.50 10.75
N ILE A 40 13.01 -19.25 10.51
CA ILE A 40 12.23 -18.11 10.93
C ILE A 40 11.02 -17.95 10.01
N ILE A 41 9.84 -17.84 10.60
CA ILE A 41 8.63 -17.68 9.82
C ILE A 41 8.51 -16.23 9.36
N GLN A 42 8.21 -16.07 8.07
CA GLN A 42 8.08 -14.76 7.46
C GLN A 42 6.71 -14.13 7.69
N MET A 43 6.67 -13.08 8.51
CA MET A 43 5.42 -12.37 8.79
C MET A 43 5.66 -10.87 8.70
N GLY A 44 6.68 -10.49 7.94
CA GLY A 44 7.00 -9.08 7.78
C GLY A 44 6.95 -8.65 6.32
N LEU A 45 6.58 -9.59 5.45
CA LEU A 45 6.49 -9.32 4.02
C LEU A 45 5.03 -9.17 3.63
N ALA A 46 4.62 -7.95 3.30
CA ALA A 46 3.25 -7.65 2.93
C ALA A 46 2.90 -8.04 1.50
N GLU A 47 2.77 -9.34 1.25
CA GLU A 47 2.41 -9.81 -0.09
C GLU A 47 1.20 -10.74 -0.02
N ASN A 48 0.41 -10.75 -1.09
CA ASN A 48 -0.80 -11.56 -1.15
C ASN A 48 -0.62 -12.85 -1.96
N GLN A 49 -0.59 -13.99 -1.28
CA GLN A 49 -0.45 -15.27 -1.95
C GLN A 49 -1.72 -16.10 -1.69
N LEU A 50 -2.83 -15.41 -1.44
CA LEU A 50 -4.08 -16.09 -1.15
C LEU A 50 -4.95 -16.50 -2.34
N CYS A 51 -4.81 -15.81 -3.47
CA CYS A 51 -5.67 -16.11 -4.61
C CYS A 51 -5.03 -16.43 -5.94
N PHE A 52 -3.81 -16.95 -5.94
CA PHE A 52 -3.15 -17.27 -7.21
C PHE A 52 -3.92 -18.32 -8.00
N ASP A 53 -4.60 -19.22 -7.30
CA ASP A 53 -5.38 -20.27 -7.96
C ASP A 53 -6.46 -19.69 -8.87
N LEU A 54 -7.02 -18.55 -8.48
CA LEU A 54 -8.05 -17.92 -9.31
C LEU A 54 -7.45 -17.41 -10.60
N LEU A 55 -6.22 -16.90 -10.53
CA LEU A 55 -5.56 -16.39 -11.71
C LEU A 55 -5.07 -17.53 -12.59
N GLU A 56 -4.61 -18.61 -11.95
CA GLU A 56 -4.12 -19.76 -12.69
C GLU A 56 -5.27 -20.43 -13.45
N SER A 57 -6.44 -20.50 -12.84
CA SER A 57 -7.60 -21.12 -13.51
C SER A 57 -8.01 -20.28 -14.71
N TRP A 58 -7.95 -18.95 -14.57
CA TRP A 58 -8.32 -18.10 -15.68
C TRP A 58 -7.33 -18.30 -16.83
N LEU A 59 -6.04 -18.32 -16.50
CA LEU A 59 -4.99 -18.49 -17.49
C LEU A 59 -5.13 -19.82 -18.22
N ALA A 60 -5.55 -20.86 -17.52
CA ALA A 60 -5.72 -22.17 -18.13
C ALA A 60 -6.88 -22.14 -19.13
N LYS A 61 -7.95 -21.46 -18.75
CA LYS A 61 -9.15 -21.35 -19.59
C LYS A 61 -9.03 -20.33 -20.73
N ASN A 62 -8.13 -19.36 -20.58
CA ASN A 62 -7.93 -18.33 -21.59
C ASN A 62 -6.45 -18.17 -21.91
N PRO A 63 -5.86 -19.16 -22.61
CA PRO A 63 -4.44 -19.19 -22.99
C PRO A 63 -3.92 -18.24 -24.08
N GLU A 64 -4.81 -17.59 -24.82
CA GLU A 64 -4.36 -16.71 -25.91
C GLU A 64 -3.55 -15.45 -25.57
N ALA A 65 -3.94 -14.71 -24.54
CA ALA A 65 -3.22 -13.48 -24.18
C ALA A 65 -1.75 -13.72 -23.90
N ALA A 66 -1.45 -14.69 -23.04
CA ALA A 66 -0.08 -15.02 -22.69
C ALA A 66 0.67 -15.59 -23.89
N ALA A 67 -0.07 -16.05 -24.89
CA ALA A 67 0.54 -16.63 -26.08
C ALA A 67 0.76 -15.61 -27.20
N PHE A 68 0.51 -14.33 -26.91
CA PHE A 68 0.66 -13.28 -27.91
C PHE A 68 -0.30 -13.49 -29.07
N LYS A 69 -1.50 -13.97 -28.75
CA LYS A 69 -2.51 -14.21 -29.77
C LYS A 69 -3.81 -13.50 -29.43
N LYS A 70 -4.50 -13.01 -30.45
CA LYS A 70 -5.78 -12.34 -30.28
C LYS A 70 -6.67 -12.81 -31.41
N ASN A 71 -7.80 -13.41 -31.06
CA ASN A 71 -8.74 -13.93 -32.06
C ASN A 71 -8.02 -14.88 -33.02
N GLY A 72 -7.14 -15.71 -32.47
CA GLY A 72 -6.43 -16.68 -33.29
C GLY A 72 -5.22 -16.14 -34.03
N GLU A 73 -5.07 -14.82 -34.07
CA GLU A 73 -3.95 -14.19 -34.77
C GLU A 73 -2.81 -13.76 -33.86
N SER A 74 -1.58 -13.86 -34.37
CA SER A 74 -0.41 -13.47 -33.61
C SER A 74 -0.29 -11.94 -33.61
N ILE A 75 0.00 -11.39 -32.44
CA ILE A 75 0.16 -9.94 -32.32
C ILE A 75 1.49 -9.67 -31.60
N PHE A 76 2.41 -10.62 -31.71
CA PHE A 76 3.70 -10.49 -31.07
C PHE A 76 4.48 -9.28 -31.57
N ALA A 77 4.53 -9.11 -32.89
CA ALA A 77 5.25 -8.00 -33.50
C ALA A 77 4.66 -6.66 -33.04
N GLU A 78 3.34 -6.57 -33.08
CA GLU A 78 2.66 -5.36 -32.67
C GLU A 78 2.97 -5.01 -31.21
N LEU A 79 2.92 -6.00 -30.32
CA LEU A 79 3.21 -5.74 -28.91
C LEU A 79 4.69 -5.42 -28.71
N ALA A 80 5.54 -6.20 -29.37
CA ALA A 80 6.98 -5.99 -29.27
C ALA A 80 7.33 -4.55 -29.62
N LEU A 81 6.60 -3.96 -30.56
CA LEU A 81 6.85 -2.57 -30.98
C LEU A 81 6.13 -1.49 -30.18
N PHE A 82 5.09 -1.87 -29.43
CA PHE A 82 4.35 -0.87 -28.67
C PHE A 82 5.12 -0.35 -27.46
N GLN A 83 5.60 0.89 -27.57
CA GLN A 83 6.39 1.49 -26.50
C GLN A 83 5.89 2.90 -26.15
N ASP A 84 4.70 3.24 -26.62
CA ASP A 84 4.11 4.54 -26.39
C ASP A 84 3.87 4.80 -24.90
N TYR A 85 4.35 5.93 -24.39
CA TYR A 85 4.17 6.22 -22.98
C TYR A 85 2.75 6.61 -22.57
N HIS A 86 1.82 6.61 -23.52
CA HIS A 86 0.42 6.91 -23.19
C HIS A 86 -0.23 5.60 -22.74
N GLY A 87 0.51 4.50 -22.87
CA GLY A 87 0.00 3.20 -22.47
C GLY A 87 -0.95 2.55 -23.45
N LEU A 88 -1.07 1.22 -23.39
CA LEU A 88 -1.95 0.48 -24.29
C LEU A 88 -3.40 0.90 -23.99
N PRO A 89 -4.12 1.41 -25.00
CA PRO A 89 -5.51 1.84 -24.84
C PRO A 89 -6.44 0.84 -24.15
N ALA A 90 -6.45 -0.39 -24.65
CA ALA A 90 -7.30 -1.42 -24.07
C ALA A 90 -6.95 -1.68 -22.62
N PHE A 91 -5.66 -1.63 -22.28
CA PHE A 91 -5.25 -1.87 -20.92
C PHE A 91 -5.65 -0.74 -19.96
N LYS A 92 -5.52 0.51 -20.40
CA LYS A 92 -5.89 1.63 -19.55
C LYS A 92 -7.40 1.63 -19.32
N LYS A 93 -8.15 1.19 -20.32
CA LYS A 93 -9.59 1.12 -20.21
C LYS A 93 -9.97 0.06 -19.17
N ALA A 94 -9.30 -1.10 -19.25
CA ALA A 94 -9.57 -2.18 -18.31
C ALA A 94 -9.20 -1.75 -16.89
N MET A 95 -8.10 -1.00 -16.77
CA MET A 95 -7.66 -0.53 -15.46
C MET A 95 -8.65 0.44 -14.82
N VAL A 96 -9.12 1.42 -15.59
CA VAL A 96 -10.08 2.37 -15.01
C VAL A 96 -11.39 1.66 -14.66
N ASP A 97 -11.75 0.66 -15.45
CA ASP A 97 -12.97 -0.11 -15.16
C ASP A 97 -12.79 -0.84 -13.85
N PHE A 98 -11.61 -1.43 -13.66
CA PHE A 98 -11.29 -2.18 -12.45
C PHE A 98 -11.24 -1.27 -11.21
N MET A 99 -10.69 -0.07 -11.37
CA MET A 99 -10.58 0.88 -10.25
C MET A 99 -11.97 1.35 -9.82
N ALA A 100 -12.87 1.48 -10.77
CA ALA A 100 -14.23 1.89 -10.50
C ALA A 100 -14.95 0.75 -9.80
N GLU A 101 -14.78 -0.47 -10.31
CA GLU A 101 -15.43 -1.63 -9.72
C GLU A 101 -15.00 -1.81 -8.27
N ILE A 102 -13.71 -1.61 -8.02
CA ILE A 102 -13.17 -1.71 -6.67
C ILE A 102 -13.93 -0.75 -5.75
N ARG A 103 -14.25 0.43 -6.30
CA ARG A 103 -14.97 1.45 -5.54
C ARG A 103 -16.48 1.35 -5.71
N GLY A 104 -16.97 0.14 -5.99
CA GLY A 104 -18.39 -0.09 -6.16
C GLY A 104 -19.03 0.76 -7.24
N ASN A 105 -18.22 1.14 -8.23
CA ASN A 105 -18.68 1.98 -9.32
C ASN A 105 -19.26 3.30 -8.83
N LYS A 106 -18.82 3.72 -7.65
CA LYS A 106 -19.28 4.99 -7.09
C LYS A 106 -18.53 6.17 -7.71
N VAL A 107 -17.43 5.87 -8.40
CA VAL A 107 -16.62 6.89 -9.08
C VAL A 107 -16.07 6.32 -10.38
N THR A 108 -15.99 7.17 -11.40
CA THR A 108 -15.50 6.76 -12.71
C THR A 108 -14.18 7.48 -13.00
N PHE A 109 -13.28 6.82 -13.71
CA PHE A 109 -11.98 7.40 -14.05
C PHE A 109 -11.80 7.53 -15.54
N ASP A 110 -11.26 8.67 -15.98
CA ASP A 110 -11.02 8.91 -17.39
C ASP A 110 -9.67 8.27 -17.76
N PRO A 111 -9.68 7.32 -18.72
CA PRO A 111 -8.43 6.67 -19.10
C PRO A 111 -7.38 7.65 -19.65
N ASN A 112 -7.85 8.81 -20.11
CA ASN A 112 -6.94 9.84 -20.62
C ASN A 112 -6.23 10.54 -19.46
N HIS A 113 -6.70 10.32 -18.24
CA HIS A 113 -6.11 10.93 -17.06
C HIS A 113 -5.34 9.92 -16.21
N LEU A 114 -5.20 8.72 -16.75
CA LEU A 114 -4.48 7.66 -16.09
C LEU A 114 -3.11 7.52 -16.74
N VAL A 115 -2.08 7.33 -15.92
CA VAL A 115 -0.74 7.15 -16.44
C VAL A 115 -0.13 5.90 -15.81
N LEU A 116 0.26 4.95 -16.66
CA LEU A 116 0.85 3.70 -16.22
C LEU A 116 2.31 3.89 -15.85
N THR A 117 2.74 3.21 -14.79
CA THR A 117 4.11 3.31 -14.33
C THR A 117 4.57 1.95 -13.83
N ALA A 118 5.88 1.77 -13.70
CA ALA A 118 6.42 0.50 -13.22
C ALA A 118 6.20 0.35 -11.72
N GLY A 119 4.96 0.06 -11.32
CA GLY A 119 4.64 -0.10 -9.92
C GLY A 119 4.29 1.23 -9.27
N ALA A 120 3.72 1.19 -8.07
CA ALA A 120 3.35 2.40 -7.32
C ALA A 120 4.61 3.10 -6.84
N THR A 121 5.68 2.34 -6.68
CA THR A 121 6.96 2.90 -6.27
C THR A 121 7.34 4.00 -7.25
N SER A 122 7.22 3.68 -8.53
CA SER A 122 7.55 4.61 -9.61
C SER A 122 6.54 5.75 -9.61
N ALA A 123 5.26 5.41 -9.49
CA ALA A 123 4.19 6.40 -9.49
C ALA A 123 4.36 7.45 -8.37
N ASN A 124 4.62 6.99 -7.15
CA ASN A 124 4.79 7.93 -6.04
C ASN A 124 5.94 8.90 -6.28
N GLU A 125 7.11 8.38 -6.69
CA GLU A 125 8.24 9.26 -6.93
C GLU A 125 7.94 10.28 -8.03
N THR A 126 7.29 9.81 -9.09
CA THR A 126 6.94 10.69 -10.20
C THR A 126 6.02 11.81 -9.72
N PHE A 127 5.04 11.47 -8.88
CA PHE A 127 4.14 12.49 -8.35
C PHE A 127 4.94 13.55 -7.58
N ILE A 128 5.92 13.11 -6.79
CA ILE A 128 6.74 14.02 -6.01
C ILE A 128 7.53 14.94 -6.97
N PHE A 129 8.07 14.34 -8.03
CA PHE A 129 8.83 15.10 -9.03
C PHE A 129 7.96 16.16 -9.68
N CYS A 130 6.69 15.84 -9.89
CA CYS A 130 5.78 16.79 -10.55
C CYS A 130 5.18 17.83 -9.63
N LEU A 131 5.16 17.55 -8.33
CA LEU A 131 4.52 18.47 -7.40
C LEU A 131 5.41 19.28 -6.45
N ALA A 132 6.65 18.84 -6.25
CA ALA A 132 7.53 19.55 -5.33
C ALA A 132 8.97 19.65 -5.83
N ASP A 133 9.59 20.80 -5.59
CA ASP A 133 10.97 21.02 -5.98
C ASP A 133 11.92 20.58 -4.88
N PRO A 134 13.19 20.36 -5.23
CA PRO A 134 14.15 19.95 -4.20
C PRO A 134 14.13 21.01 -3.09
N GLY A 135 14.16 20.57 -1.83
CA GLY A 135 14.14 21.53 -0.73
C GLY A 135 12.75 21.76 -0.15
N GLU A 136 11.72 21.33 -0.85
CA GLU A 136 10.35 21.50 -0.37
C GLU A 136 9.92 20.21 0.36
N ALA A 137 8.68 20.15 0.81
CA ALA A 137 8.25 18.97 1.56
C ALA A 137 6.81 18.52 1.38
N VAL A 138 6.54 17.31 1.87
CA VAL A 138 5.21 16.72 1.84
C VAL A 138 4.96 16.20 3.25
N LEU A 139 3.72 16.25 3.69
CA LEU A 139 3.38 15.79 5.03
C LEU A 139 2.85 14.35 4.95
N ILE A 140 3.29 13.50 5.87
CA ILE A 140 2.82 12.12 5.85
C ILE A 140 2.46 11.64 7.25
N PRO A 141 1.24 11.10 7.40
CA PRO A 141 0.78 10.60 8.70
C PRO A 141 1.62 9.43 9.19
N THR A 142 1.99 9.45 10.46
CA THR A 142 2.76 8.34 11.03
C THR A 142 1.76 7.50 11.83
N PRO A 143 1.97 6.17 11.89
CA PRO A 143 3.07 5.46 11.24
C PRO A 143 2.82 5.35 9.73
N TYR A 144 3.89 5.17 8.96
CA TYR A 144 3.75 5.04 7.52
C TYR A 144 4.73 4.05 6.90
N TYR A 145 4.39 3.61 5.69
CA TYR A 145 5.20 2.65 4.94
C TYR A 145 6.63 3.18 4.84
N PRO A 146 7.58 2.49 5.51
CA PRO A 146 8.98 2.91 5.49
C PRO A 146 9.65 3.02 4.12
N GLY A 147 9.03 2.43 3.10
CA GLY A 147 9.59 2.52 1.76
C GLY A 147 9.59 3.97 1.28
N PHE A 148 8.65 4.75 1.81
CA PHE A 148 8.52 6.16 1.45
C PHE A 148 9.78 7.00 1.74
N ASP A 149 10.50 6.66 2.79
CA ASP A 149 11.70 7.42 3.14
C ASP A 149 12.73 7.44 2.00
N ARG A 150 12.75 6.40 1.19
CA ARG A 150 13.68 6.37 0.06
C ARG A 150 12.93 6.77 -1.21
N ASP A 151 11.81 6.10 -1.49
CA ASP A 151 11.02 6.36 -2.68
C ASP A 151 10.71 7.83 -2.94
N LEU A 152 10.22 8.52 -1.91
CA LEU A 152 9.81 9.91 -2.02
C LEU A 152 10.88 10.99 -1.88
N LYS A 153 11.99 10.66 -1.24
CA LYS A 153 13.03 11.65 -1.00
C LYS A 153 14.36 11.51 -1.73
N TRP A 154 14.80 10.27 -1.92
CA TRP A 154 16.10 9.99 -2.54
C TRP A 154 16.53 10.81 -3.75
N ARG A 155 15.81 10.70 -4.87
CA ARG A 155 16.19 11.40 -6.08
C ARG A 155 15.47 12.73 -6.31
N THR A 156 14.51 13.02 -5.44
CA THR A 156 13.69 14.22 -5.55
C THR A 156 14.20 15.42 -4.75
N GLY A 157 15.04 15.16 -3.74
CA GLY A 157 15.51 16.24 -2.90
C GLY A 157 14.41 16.78 -2.01
N VAL A 158 13.28 16.09 -1.98
CA VAL A 158 12.13 16.50 -1.16
C VAL A 158 12.18 15.86 0.22
N GLU A 159 11.69 16.58 1.22
CA GLU A 159 11.69 16.08 2.59
C GLU A 159 10.31 15.66 3.08
N ILE A 160 10.29 14.79 4.08
CA ILE A 160 9.05 14.31 4.67
C ILE A 160 8.89 14.89 6.08
N VAL A 161 7.72 15.46 6.35
CA VAL A 161 7.41 16.00 7.66
C VAL A 161 6.24 15.17 8.15
N PRO A 162 6.38 14.52 9.31
CA PRO A 162 5.31 13.69 9.86
C PRO A 162 4.09 14.34 10.48
N ILE A 163 2.93 13.73 10.23
CA ILE A 163 1.66 14.15 10.81
C ILE A 163 1.44 13.03 11.82
N HIS A 164 1.78 13.29 13.08
CA HIS A 164 1.66 12.25 14.10
C HIS A 164 0.25 11.82 14.48
N CYS A 165 0.08 10.49 14.51
CA CYS A 165 -1.18 9.86 14.87
C CYS A 165 -0.85 8.95 16.04
N THR A 166 -1.78 8.83 16.99
CA THR A 166 -1.56 7.99 18.17
C THR A 166 -2.75 7.07 18.42
N SER A 167 -2.53 6.07 19.28
CA SER A 167 -3.57 5.10 19.62
C SER A 167 -4.81 5.67 20.29
N SER A 168 -4.68 6.84 20.92
CA SER A 168 -5.79 7.50 21.61
C SER A 168 -7.09 7.48 20.81
N ASN A 169 -7.01 7.77 19.52
CA ASN A 169 -8.20 7.79 18.68
C ASN A 169 -8.12 6.80 17.52
N GLY A 170 -7.44 5.68 17.76
CA GLY A 170 -7.30 4.67 16.73
C GLY A 170 -6.35 5.06 15.61
N PHE A 171 -5.39 5.91 15.93
CA PHE A 171 -4.40 6.37 14.96
C PHE A 171 -5.02 7.14 13.79
N GLN A 172 -6.01 7.96 14.10
CA GLN A 172 -6.66 8.75 13.05
C GLN A 172 -6.02 10.12 12.95
N ILE A 173 -6.18 10.75 11.79
CA ILE A 173 -5.62 12.07 11.54
C ILE A 173 -6.55 13.13 12.13
N THR A 174 -5.99 14.08 12.86
CA THR A 174 -6.79 15.15 13.46
C THR A 174 -6.37 16.52 12.94
N GLU A 175 -7.25 17.50 13.08
CA GLU A 175 -6.94 18.85 12.61
C GLU A 175 -5.68 19.37 13.29
N THR A 176 -5.55 19.10 14.59
CA THR A 176 -4.39 19.57 15.34
C THR A 176 -3.08 18.94 14.89
N ALA A 177 -3.10 17.65 14.53
CA ALA A 177 -1.89 16.99 14.08
C ALA A 177 -1.42 17.58 12.76
N LEU A 178 -2.38 17.92 11.90
CA LEU A 178 -2.05 18.52 10.61
C LEU A 178 -1.37 19.88 10.77
N GLU A 179 -1.93 20.72 11.64
CA GLU A 179 -1.35 22.04 11.87
C GLU A 179 0.01 21.96 12.52
N GLU A 180 0.19 21.00 13.43
CA GLU A 180 1.48 20.83 14.09
C GLU A 180 2.52 20.36 13.08
N ALA A 181 2.08 19.57 12.11
CA ALA A 181 2.98 19.08 11.06
C ALA A 181 3.35 20.28 10.20
N TYR A 182 2.33 21.03 9.79
CA TYR A 182 2.53 22.22 8.97
C TYR A 182 3.46 23.20 9.69
N GLN A 183 3.36 23.22 11.02
CA GLN A 183 4.20 24.10 11.83
C GLN A 183 5.65 23.61 11.90
N GLU A 184 5.85 22.30 11.98
CA GLU A 184 7.20 21.73 12.05
C GLU A 184 7.95 22.01 10.74
N ALA A 185 7.23 21.91 9.64
CA ALA A 185 7.82 22.16 8.33
C ALA A 185 8.35 23.59 8.27
N GLU A 186 7.55 24.52 8.77
CA GLU A 186 7.90 25.93 8.79
C GLU A 186 9.15 26.13 9.64
N LYS A 187 9.18 25.50 10.80
CA LYS A 187 10.33 25.60 11.70
C LYS A 187 11.59 25.06 11.04
N ARG A 188 11.43 24.08 10.15
CA ARG A 188 12.59 23.51 9.47
C ARG A 188 12.85 24.30 8.18
N ASN A 189 12.10 25.38 8.01
CA ASN A 189 12.23 26.25 6.85
C ASN A 189 11.87 25.55 5.54
N LEU A 190 10.93 24.61 5.62
CA LEU A 190 10.51 23.85 4.46
C LEU A 190 9.15 24.30 3.95
N ARG A 191 9.04 24.51 2.64
CA ARG A 191 7.78 24.91 2.04
C ARG A 191 7.00 23.63 1.77
N VAL A 192 5.74 23.60 2.21
CA VAL A 192 4.89 22.43 2.04
C VAL A 192 4.14 22.46 0.73
N LYS A 193 4.24 21.36 -0.03
CA LYS A 193 3.56 21.27 -1.32
C LYS A 193 2.37 20.33 -1.28
N GLY A 194 2.29 19.48 -0.26
CA GLY A 194 1.16 18.58 -0.19
C GLY A 194 1.21 17.55 0.92
N VAL A 195 0.17 16.72 0.94
CA VAL A 195 0.06 15.65 1.91
C VAL A 195 -0.12 14.36 1.15
N LEU A 196 0.60 13.31 1.55
CA LEU A 196 0.48 12.02 0.89
C LEU A 196 -0.03 11.04 1.94
N VAL A 197 -1.15 10.40 1.64
CA VAL A 197 -1.72 9.44 2.57
C VAL A 197 -1.86 8.07 1.94
N THR A 198 -1.97 7.05 2.77
CA THR A 198 -2.14 5.70 2.30
C THR A 198 -3.53 5.28 2.74
N ASN A 199 -4.40 4.99 1.78
CA ASN A 199 -5.78 4.64 2.08
C ASN A 199 -6.31 3.52 1.17
N PRO A 200 -6.52 2.31 1.73
CA PRO A 200 -6.31 1.93 3.12
C PRO A 200 -4.85 2.03 3.56
N SER A 201 -4.65 2.11 4.87
CA SER A 201 -3.33 2.27 5.43
C SER A 201 -2.41 1.08 5.65
N ASN A 202 -1.15 1.31 5.30
CA ASN A 202 -0.08 0.36 5.55
C ASN A 202 0.69 1.26 6.50
N PRO A 203 1.01 0.79 7.72
CA PRO A 203 0.78 -0.50 8.37
C PRO A 203 -0.42 -0.61 9.31
N LEU A 204 -1.31 0.39 9.34
CA LEU A 204 -2.44 0.34 10.25
C LEU A 204 -3.45 -0.77 9.96
N GLY A 205 -3.75 -0.98 8.69
CA GLY A 205 -4.70 -2.02 8.32
C GLY A 205 -6.13 -1.51 8.42
N THR A 206 -6.27 -0.19 8.44
CA THR A 206 -7.57 0.46 8.53
C THR A 206 -7.87 1.31 7.30
N THR A 207 -9.15 1.47 7.02
CA THR A 207 -9.59 2.31 5.91
C THR A 207 -9.73 3.71 6.48
N MET A 208 -9.39 4.73 5.70
CA MET A 208 -9.51 6.10 6.19
C MET A 208 -10.98 6.43 6.36
N THR A 209 -11.30 7.23 7.37
CA THR A 209 -12.69 7.59 7.63
C THR A 209 -13.14 8.80 6.83
N ARG A 210 -14.42 8.87 6.53
CA ARG A 210 -14.97 9.99 5.77
C ARG A 210 -14.59 11.28 6.47
N ASN A 211 -14.59 11.24 7.80
CA ASN A 211 -14.23 12.40 8.63
C ASN A 211 -12.80 12.85 8.35
N GLU A 212 -11.87 11.89 8.33
CA GLU A 212 -10.48 12.20 8.08
C GLU A 212 -10.30 12.80 6.70
N LEU A 213 -11.00 12.23 5.72
CA LEU A 213 -10.94 12.70 4.35
C LEU A 213 -11.37 14.14 4.19
N TYR A 214 -12.51 14.51 4.77
CA TYR A 214 -12.98 15.89 4.67
C TYR A 214 -12.01 16.80 5.40
N LEU A 215 -11.45 16.29 6.49
CA LEU A 215 -10.49 17.02 7.29
C LEU A 215 -9.26 17.31 6.45
N LEU A 216 -8.86 16.33 5.65
CA LEU A 216 -7.70 16.47 4.77
C LEU A 216 -7.99 17.42 3.62
N LEU A 217 -9.14 17.25 2.97
CA LEU A 217 -9.53 18.10 1.86
C LEU A 217 -9.66 19.56 2.28
N SER A 218 -10.15 19.77 3.51
CA SER A 218 -10.31 21.12 4.02
C SER A 218 -8.94 21.73 4.26
N PHE A 219 -8.03 20.92 4.80
CA PHE A 219 -6.67 21.35 5.08
C PHE A 219 -5.89 21.71 3.82
N VAL A 220 -5.94 20.83 2.81
CA VAL A 220 -5.21 21.09 1.58
C VAL A 220 -5.83 22.27 0.83
N GLU A 221 -7.14 22.47 1.01
CA GLU A 221 -7.80 23.60 0.37
C GLU A 221 -7.28 24.89 1.01
N ASP A 222 -7.29 24.92 2.33
CA ASP A 222 -6.83 26.08 3.10
C ASP A 222 -5.39 26.46 2.82
N LYS A 223 -4.52 25.46 2.81
CA LYS A 223 -3.10 25.67 2.58
C LYS A 223 -2.75 25.77 1.09
N GLY A 224 -3.72 25.50 0.23
CA GLY A 224 -3.47 25.55 -1.20
C GLY A 224 -2.42 24.56 -1.64
N ILE A 225 -2.46 23.36 -1.07
CA ILE A 225 -1.49 22.31 -1.41
C ILE A 225 -2.15 21.08 -2.02
N HIS A 226 -1.35 20.06 -2.33
CA HIS A 226 -1.87 18.84 -2.94
C HIS A 226 -2.16 17.70 -1.97
N LEU A 227 -3.03 16.80 -2.41
CA LEU A 227 -3.37 15.61 -1.63
C LEU A 227 -3.16 14.42 -2.55
N ILE A 228 -2.20 13.58 -2.19
CA ILE A 228 -1.89 12.38 -2.95
C ILE A 228 -2.35 11.20 -2.12
N SER A 229 -3.25 10.40 -2.66
CA SER A 229 -3.76 9.24 -1.93
C SER A 229 -3.25 7.94 -2.55
N ASP A 230 -2.37 7.26 -1.83
CA ASP A 230 -1.84 5.98 -2.33
C ASP A 230 -2.87 4.92 -1.94
N GLU A 231 -3.69 4.53 -2.91
CA GLU A 231 -4.75 3.56 -2.69
C GLU A 231 -4.44 2.18 -3.25
N ILE A 232 -3.19 1.74 -3.06
CA ILE A 232 -2.75 0.44 -3.54
C ILE A 232 -3.48 -0.70 -2.81
N TYR A 233 -3.99 -0.43 -1.61
CA TYR A 233 -4.71 -1.46 -0.85
C TYR A 233 -6.23 -1.29 -0.93
N SER A 234 -6.69 -0.40 -1.80
CA SER A 234 -8.13 -0.15 -1.94
C SER A 234 -8.98 -1.39 -2.17
N GLY A 235 -8.43 -2.39 -2.86
CA GLY A 235 -9.19 -3.60 -3.13
C GLY A 235 -9.18 -4.64 -2.03
N THR A 236 -8.42 -4.38 -0.97
CA THR A 236 -8.31 -5.30 0.14
C THR A 236 -9.10 -4.93 1.40
N ALA A 237 -10.13 -4.10 1.24
CA ALA A 237 -10.97 -3.70 2.37
C ALA A 237 -12.03 -4.80 2.48
N PHE A 238 -11.89 -5.67 3.48
CA PHE A 238 -12.79 -6.81 3.66
C PHE A 238 -13.82 -6.73 4.79
N SER A 239 -13.81 -5.64 5.56
CA SER A 239 -14.78 -5.49 6.64
C SER A 239 -15.14 -4.04 6.88
N SER A 240 -16.28 -3.83 7.53
CA SER A 240 -16.76 -2.49 7.85
C SER A 240 -15.73 -1.82 8.77
N PRO A 241 -15.62 -0.48 8.73
CA PRO A 241 -16.36 0.47 7.90
C PRO A 241 -15.93 0.45 6.43
N SER A 242 -16.80 0.90 5.55
CA SER A 242 -16.54 0.91 4.12
C SER A 242 -15.33 1.71 3.68
N PHE A 243 -14.70 1.27 2.60
CA PHE A 243 -13.54 1.96 2.03
C PHE A 243 -14.08 3.16 1.27
N ILE A 244 -13.46 4.31 1.44
CA ILE A 244 -13.89 5.51 0.75
C ILE A 244 -12.70 6.12 0.02
N SER A 245 -12.75 6.10 -1.31
CA SER A 245 -11.68 6.67 -2.11
C SER A 245 -11.72 8.19 -1.97
N VAL A 246 -10.56 8.82 -2.04
CA VAL A 246 -10.51 10.27 -1.93
C VAL A 246 -11.32 10.89 -3.07
N MET A 247 -11.36 10.20 -4.21
CA MET A 247 -12.10 10.67 -5.38
C MET A 247 -13.61 10.69 -5.15
N GLU A 248 -14.12 9.80 -4.31
CA GLU A 248 -15.54 9.77 -4.04
C GLU A 248 -15.98 11.00 -3.26
N VAL A 249 -15.21 11.34 -2.22
CA VAL A 249 -15.51 12.49 -1.39
C VAL A 249 -15.59 13.79 -2.20
N LEU A 250 -14.79 13.89 -3.25
CA LEU A 250 -14.79 15.08 -4.10
C LEU A 250 -16.12 15.26 -4.81
N LYS A 251 -16.65 14.16 -5.34
CA LYS A 251 -17.90 14.18 -6.08
C LYS A 251 -19.07 14.73 -5.27
N ASP A 252 -19.37 14.09 -4.13
CA ASP A 252 -20.47 14.54 -3.28
C ASP A 252 -20.12 15.77 -2.46
N ARG A 253 -19.74 16.84 -3.16
CA ARG A 253 -19.38 18.10 -2.51
C ARG A 253 -19.17 19.18 -3.57
N ASN A 254 -19.04 20.43 -3.13
CA ASN A 254 -18.84 21.55 -4.04
C ASN A 254 -17.49 21.43 -4.75
N CYS A 255 -16.73 20.41 -4.41
CA CYS A 255 -15.43 20.17 -5.01
C CYS A 255 -15.59 19.49 -6.36
N ASP A 256 -16.84 19.12 -6.67
CA ASP A 256 -17.16 18.45 -7.92
C ASP A 256 -16.96 19.38 -9.11
N GLU A 257 -15.70 19.62 -9.45
CA GLU A 257 -15.35 20.50 -10.57
C GLU A 257 -16.00 21.87 -10.40
N ASN A 258 -16.17 22.29 -9.15
CA ASN A 258 -16.76 23.58 -8.82
C ASN A 258 -15.87 24.34 -7.83
N SER A 259 -14.68 23.77 -7.57
CA SER A 259 -13.73 24.39 -6.65
C SER A 259 -12.34 24.41 -7.30
N GLU A 260 -11.30 24.36 -6.46
CA GLU A 260 -9.93 24.36 -6.94
C GLU A 260 -9.22 23.09 -6.45
N VAL A 261 -9.61 22.63 -5.27
CA VAL A 261 -9.02 21.45 -4.67
C VAL A 261 -9.16 20.23 -5.58
N TRP A 262 -10.22 20.23 -6.38
CA TRP A 262 -10.48 19.12 -7.30
C TRP A 262 -9.24 18.82 -8.16
N GLN A 263 -8.59 19.87 -8.62
CA GLN A 263 -7.39 19.76 -9.44
C GLN A 263 -6.17 19.31 -8.65
N ARG A 264 -6.24 19.40 -7.32
CA ARG A 264 -5.10 19.04 -6.49
C ARG A 264 -5.26 17.73 -5.72
N VAL A 265 -6.21 16.90 -6.12
CA VAL A 265 -6.41 15.61 -5.46
C VAL A 265 -6.00 14.52 -6.44
N HIS A 266 -5.02 13.71 -6.06
CA HIS A 266 -4.49 12.67 -6.94
C HIS A 266 -4.50 11.29 -6.30
N VAL A 267 -4.49 10.26 -7.14
CA VAL A 267 -4.49 8.88 -6.67
C VAL A 267 -3.39 8.03 -7.30
N VAL A 268 -2.82 7.14 -6.49
CA VAL A 268 -1.81 6.22 -6.93
C VAL A 268 -2.40 4.82 -6.73
N TYR A 269 -2.22 3.96 -7.72
CA TYR A 269 -2.75 2.60 -7.65
C TYR A 269 -1.72 1.62 -8.17
N SER A 270 -1.95 0.34 -7.91
CA SER A 270 -1.04 -0.72 -8.34
C SER A 270 -1.75 -2.07 -8.24
N LEU A 271 -1.23 -3.07 -8.97
CA LEU A 271 -1.80 -4.41 -8.98
C LEU A 271 -0.95 -5.34 -8.12
N SER A 272 0.00 -4.76 -7.40
CA SER A 272 0.91 -5.54 -6.58
C SER A 272 0.30 -6.23 -5.36
N LYS A 273 -0.64 -5.57 -4.71
CA LYS A 273 -1.24 -6.13 -3.48
C LYS A 273 -2.57 -6.84 -3.60
N ASP A 274 -3.52 -6.31 -4.38
CA ASP A 274 -4.79 -7.01 -4.49
C ASP A 274 -4.66 -8.26 -5.35
N LEU A 275 -4.13 -8.09 -6.56
CA LEU A 275 -3.95 -9.22 -7.48
C LEU A 275 -2.69 -10.03 -7.18
N GLY A 276 -1.83 -9.49 -6.32
CA GLY A 276 -0.59 -10.19 -5.97
C GLY A 276 0.41 -10.35 -7.09
N LEU A 277 0.53 -9.33 -7.94
CA LEU A 277 1.46 -9.37 -9.06
C LEU A 277 2.55 -8.29 -8.96
N PRO A 278 3.22 -8.17 -7.79
CA PRO A 278 4.26 -7.14 -7.69
C PRO A 278 5.40 -7.28 -8.72
N GLY A 279 5.73 -8.51 -9.09
CA GLY A 279 6.79 -8.73 -10.05
C GLY A 279 6.53 -8.17 -11.44
N PHE A 280 5.26 -8.04 -11.81
CA PHE A 280 4.87 -7.52 -13.12
C PHE A 280 5.00 -6.00 -13.24
N ARG A 281 5.17 -5.34 -12.11
CA ARG A 281 5.34 -3.88 -12.04
C ARG A 281 4.23 -3.07 -12.71
N VAL A 282 2.99 -3.27 -12.26
CA VAL A 282 1.88 -2.51 -12.83
C VAL A 282 1.44 -1.44 -11.85
N GLY A 283 1.79 -0.19 -12.15
CA GLY A 283 1.41 0.91 -11.29
C GLY A 283 0.63 1.92 -12.09
N ALA A 284 -0.07 2.82 -11.41
CA ALA A 284 -0.85 3.82 -12.10
C ALA A 284 -0.95 5.13 -11.33
N ILE A 285 -0.95 6.20 -12.11
CA ILE A 285 -1.07 7.55 -11.59
C ILE A 285 -2.40 8.07 -12.13
N TYR A 286 -3.19 8.72 -11.29
CA TYR A 286 -4.43 9.29 -11.78
C TYR A 286 -4.53 10.70 -11.24
N SER A 287 -4.79 11.65 -12.11
CA SER A 287 -4.92 13.04 -11.69
C SER A 287 -5.93 13.77 -12.55
N ASN A 288 -6.64 14.72 -11.94
CA ASN A 288 -7.62 15.53 -12.66
C ASN A 288 -6.89 16.69 -13.35
N ASP A 289 -5.68 17.00 -12.88
CA ASP A 289 -4.91 18.10 -13.47
C ASP A 289 -4.24 17.71 -14.79
N ASP A 290 -4.73 18.30 -15.88
CA ASP A 290 -4.21 18.05 -17.22
C ASP A 290 -2.70 18.15 -17.32
N MET A 291 -2.13 19.15 -16.65
CA MET A 291 -0.69 19.37 -16.68
C MET A 291 0.09 18.27 -15.94
N VAL A 292 -0.47 17.76 -14.87
CA VAL A 292 0.17 16.69 -14.12
C VAL A 292 0.16 15.41 -14.94
N VAL A 293 -0.95 15.17 -15.64
CA VAL A 293 -1.07 13.98 -16.48
C VAL A 293 -0.01 14.05 -17.60
N ALA A 294 0.08 15.19 -18.25
CA ALA A 294 1.04 15.41 -19.32
C ALA A 294 2.47 15.21 -18.84
N ALA A 295 2.80 15.79 -17.69
CA ALA A 295 4.12 15.68 -17.11
C ALA A 295 4.44 14.23 -16.72
N ALA A 296 3.53 13.61 -15.96
CA ALA A 296 3.71 12.22 -15.54
C ALA A 296 3.83 11.27 -16.74
N THR A 297 3.05 11.52 -17.79
CA THR A 297 3.11 10.68 -18.98
C THR A 297 4.54 10.65 -19.52
N LYS A 298 5.15 11.82 -19.64
CA LYS A 298 6.50 11.91 -20.14
C LYS A 298 7.47 11.25 -19.17
N MET A 299 7.22 11.44 -17.87
CA MET A 299 8.09 10.83 -16.89
C MET A 299 8.01 9.31 -16.90
N SER A 300 6.84 8.76 -17.23
CA SER A 300 6.69 7.30 -17.25
C SER A 300 7.69 6.68 -18.22
N SER A 301 8.23 7.51 -19.10
CA SER A 301 9.22 7.03 -20.06
C SER A 301 10.35 6.29 -19.34
N PHE A 302 10.70 6.75 -18.13
CA PHE A 302 11.78 6.12 -17.36
C PHE A 302 11.33 4.83 -16.66
N GLY A 303 10.05 4.51 -16.74
CA GLY A 303 9.55 3.31 -16.09
C GLY A 303 8.22 2.86 -16.66
N LEU A 304 8.24 2.43 -17.91
CA LEU A 304 7.04 1.98 -18.58
C LEU A 304 6.69 0.54 -18.19
N VAL A 305 5.44 0.16 -18.39
CA VAL A 305 5.00 -1.20 -18.10
C VAL A 305 5.22 -2.02 -19.37
N SER A 306 5.81 -3.20 -19.22
CA SER A 306 6.04 -4.07 -20.37
C SER A 306 4.75 -4.30 -21.15
N SER A 307 4.81 -4.14 -22.47
CA SER A 307 3.64 -4.32 -23.33
C SER A 307 3.13 -5.77 -23.29
N GLN A 308 4.00 -6.71 -22.96
CA GLN A 308 3.59 -8.12 -22.86
C GLN A 308 2.65 -8.24 -21.67
N THR A 309 3.02 -7.57 -20.59
CA THR A 309 2.23 -7.57 -19.36
C THR A 309 0.95 -6.78 -19.55
N GLN A 310 1.05 -5.61 -20.18
CA GLN A 310 -0.12 -4.79 -20.44
C GLN A 310 -1.17 -5.57 -21.21
N HIS A 311 -0.72 -6.34 -22.21
CA HIS A 311 -1.67 -7.11 -23.01
C HIS A 311 -2.34 -8.18 -22.16
N LEU A 312 -1.54 -8.95 -21.44
CA LEU A 312 -2.04 -10.02 -20.58
C LEU A 312 -3.10 -9.51 -19.60
N LEU A 313 -2.78 -8.42 -18.90
CA LEU A 313 -3.70 -7.88 -17.91
C LEU A 313 -4.91 -7.16 -18.49
N SER A 314 -4.81 -6.71 -19.73
CA SER A 314 -5.96 -6.04 -20.33
C SER A 314 -6.98 -7.15 -20.62
N ALA A 315 -6.48 -8.31 -21.01
CA ALA A 315 -7.35 -9.45 -21.30
C ALA A 315 -8.01 -9.93 -20.00
N MET A 316 -7.18 -10.12 -18.96
CA MET A 316 -7.67 -10.58 -17.66
C MET A 316 -8.69 -9.63 -17.04
N LEU A 317 -8.33 -8.35 -16.99
CA LEU A 317 -9.21 -7.35 -16.39
C LEU A 317 -10.43 -6.99 -17.22
N SER A 318 -10.41 -7.34 -18.51
CA SER A 318 -11.56 -7.04 -19.38
C SER A 318 -12.66 -8.07 -19.13
N ASP A 319 -12.31 -9.16 -18.47
CA ASP A 319 -13.25 -10.23 -18.14
C ASP A 319 -13.99 -9.84 -16.86
N LYS A 320 -15.22 -9.35 -17.00
CA LYS A 320 -16.00 -8.93 -15.86
C LYS A 320 -16.34 -10.04 -14.88
N LYS A 321 -16.36 -11.29 -15.36
CA LYS A 321 -16.65 -12.41 -14.48
C LYS A 321 -15.46 -12.63 -13.56
N LEU A 322 -14.25 -12.55 -14.12
CA LEU A 322 -13.04 -12.74 -13.31
C LEU A 322 -12.89 -11.64 -12.26
N THR A 323 -12.99 -10.38 -12.68
CA THR A 323 -12.82 -9.28 -11.74
C THR A 323 -13.82 -9.32 -10.59
N LYS A 324 -15.08 -9.60 -10.92
CA LYS A 324 -16.11 -9.67 -9.90
C LYS A 324 -15.80 -10.77 -8.89
N ASN A 325 -15.58 -11.98 -9.38
CA ASN A 325 -15.30 -13.10 -8.49
C ASN A 325 -13.98 -12.97 -7.75
N TYR A 326 -12.99 -12.35 -8.38
CA TYR A 326 -11.71 -12.20 -7.71
C TYR A 326 -11.82 -11.28 -6.52
N ILE A 327 -12.49 -10.15 -6.69
CA ILE A 327 -12.64 -9.20 -5.59
C ILE A 327 -13.41 -9.82 -4.43
N ALA A 328 -14.49 -10.52 -4.75
CA ALA A 328 -15.32 -11.16 -3.72
C ALA A 328 -14.55 -12.23 -2.97
N GLU A 329 -13.86 -13.09 -3.72
CA GLU A 329 -13.07 -14.16 -3.14
C GLU A 329 -11.86 -13.63 -2.36
N ASN A 330 -11.23 -12.58 -2.89
CA ASN A 330 -10.07 -12.00 -2.22
C ASN A 330 -10.53 -11.45 -0.89
N HIS A 331 -11.69 -10.79 -0.89
CA HIS A 331 -12.24 -10.23 0.33
C HIS A 331 -12.51 -11.36 1.35
N LYS A 332 -13.07 -12.45 0.88
CA LYS A 332 -13.39 -13.60 1.74
C LYS A 332 -12.17 -14.23 2.39
N ARG A 333 -11.18 -14.58 1.58
CA ARG A 333 -9.98 -15.21 2.08
C ARG A 333 -9.15 -14.28 2.97
N LEU A 334 -9.13 -13.00 2.64
CA LEU A 334 -8.36 -12.04 3.44
C LEU A 334 -9.00 -11.91 4.82
N LYS A 335 -10.33 -11.77 4.85
CA LYS A 335 -11.06 -11.63 6.10
C LYS A 335 -10.86 -12.87 6.98
N GLN A 336 -10.89 -14.03 6.35
CA GLN A 336 -10.71 -15.29 7.07
C GLN A 336 -9.32 -15.33 7.70
N ARG A 337 -8.31 -14.95 6.93
CA ARG A 337 -6.95 -14.98 7.43
C ARG A 337 -6.70 -13.94 8.51
N GLN A 338 -7.30 -12.75 8.37
CA GLN A 338 -7.11 -11.71 9.38
C GLN A 338 -7.74 -12.15 10.71
N LYS A 339 -8.94 -12.73 10.65
CA LYS A 339 -9.59 -13.18 11.86
C LYS A 339 -8.76 -14.26 12.55
N LYS A 340 -8.16 -15.14 11.75
CA LYS A 340 -7.33 -16.19 12.31
C LYS A 340 -6.14 -15.59 13.07
N LEU A 341 -5.55 -14.53 12.53
CA LEU A 341 -4.42 -13.88 13.18
C LEU A 341 -4.88 -13.18 14.45
N VAL A 342 -6.03 -12.52 14.37
CA VAL A 342 -6.57 -11.81 15.52
C VAL A 342 -6.92 -12.79 16.65
N SER A 343 -7.55 -13.90 16.31
CA SER A 343 -7.91 -14.89 17.33
C SER A 343 -6.64 -15.52 17.89
N GLY A 344 -5.69 -15.82 17.02
CA GLY A 344 -4.44 -16.41 17.45
C GLY A 344 -3.73 -15.51 18.45
N LEU A 345 -3.69 -14.21 18.16
CA LEU A 345 -3.05 -13.25 19.03
C LEU A 345 -3.78 -13.11 20.38
N GLN A 346 -5.11 -13.11 20.34
CA GLN A 346 -5.91 -12.98 21.56
C GLN A 346 -5.58 -14.08 22.57
N LYS A 347 -5.27 -15.26 22.08
CA LYS A 347 -4.94 -16.38 22.95
C LYS A 347 -3.66 -16.13 23.74
N SER A 348 -2.82 -15.22 23.25
CA SER A 348 -1.58 -14.87 23.92
C SER A 348 -1.84 -13.59 24.70
N GLY A 349 -3.09 -13.17 24.74
CA GLY A 349 -3.45 -11.95 25.44
C GLY A 349 -2.94 -10.73 24.72
N ILE A 350 -2.88 -10.81 23.39
CA ILE A 350 -2.40 -9.70 22.56
C ILE A 350 -3.53 -9.16 21.69
N SER A 351 -3.80 -7.86 21.81
CA SER A 351 -4.84 -7.22 21.03
C SER A 351 -4.29 -6.51 19.79
N CYS A 352 -5.18 -6.22 18.85
CA CYS A 352 -4.82 -5.52 17.62
C CYS A 352 -5.69 -4.29 17.45
N LEU A 353 -5.17 -3.30 16.73
CA LEU A 353 -5.94 -2.11 16.44
C LEU A 353 -7.04 -2.64 15.53
N ASN A 354 -8.29 -2.37 15.86
CA ASN A 354 -9.42 -2.84 15.05
C ASN A 354 -9.23 -2.42 13.58
N GLY A 355 -8.96 -3.39 12.71
CA GLY A 355 -8.74 -3.11 11.30
C GLY A 355 -9.68 -3.84 10.37
N ASN A 356 -9.70 -3.44 9.11
CA ASN A 356 -10.62 -4.03 8.14
C ASN A 356 -10.05 -4.11 6.72
N ALA A 357 -8.75 -3.90 6.57
CA ALA A 357 -8.14 -3.95 5.24
C ALA A 357 -6.66 -4.24 5.30
N GLY A 358 -6.04 -4.39 4.12
CA GLY A 358 -4.62 -4.67 4.09
C GLY A 358 -4.29 -6.14 4.10
N LEU A 359 -3.02 -6.45 4.30
CA LEU A 359 -2.54 -7.82 4.33
C LEU A 359 -1.80 -8.01 5.64
N PHE A 360 -2.17 -7.20 6.62
CA PHE A 360 -1.49 -7.22 7.91
C PHE A 360 -2.34 -6.60 9.00
N CYS A 361 -1.92 -6.80 10.24
CA CYS A 361 -2.59 -6.22 11.41
C CYS A 361 -1.57 -5.35 12.13
N TRP A 362 -2.07 -4.33 12.83
CA TRP A 362 -1.22 -3.43 13.60
C TRP A 362 -1.41 -3.93 15.02
N VAL A 363 -0.41 -4.65 15.52
CA VAL A 363 -0.46 -5.30 16.83
C VAL A 363 0.06 -4.54 18.05
N ASP A 364 -0.75 -4.57 19.10
CA ASP A 364 -0.43 -3.89 20.36
C ASP A 364 0.36 -4.80 21.31
N MET A 365 1.65 -4.55 21.43
CA MET A 365 2.49 -5.35 22.34
C MET A 365 3.17 -4.46 23.37
N ARG A 366 2.54 -3.33 23.67
CA ARG A 366 3.08 -2.39 24.65
C ARG A 366 3.26 -3.03 26.03
N HIS A 367 2.28 -3.83 26.45
CA HIS A 367 2.35 -4.46 27.77
C HIS A 367 3.42 -5.55 27.89
N LEU A 368 4.17 -5.78 26.82
CA LEU A 368 5.22 -6.79 26.85
C LEU A 368 6.60 -6.13 26.86
N LEU A 369 6.62 -4.80 26.84
CA LEU A 369 7.87 -4.05 26.84
C LEU A 369 8.42 -3.86 28.25
N ARG A 370 9.74 -3.92 28.39
CA ARG A 370 10.39 -3.73 29.68
C ARG A 370 9.96 -2.36 30.20
N SER A 371 9.93 -1.38 29.30
CA SER A 371 9.53 -0.02 29.64
C SER A 371 8.98 0.65 28.40
N ASN A 372 8.33 1.80 28.59
CA ASN A 372 7.75 2.52 27.46
C ASN A 372 8.81 3.28 26.68
N THR A 373 9.68 2.54 26.01
CA THR A 373 10.74 3.16 25.22
C THR A 373 10.97 2.35 23.94
N PHE A 374 11.58 2.99 22.96
CA PHE A 374 11.86 2.30 21.70
C PHE A 374 12.99 1.31 21.89
N GLU A 375 13.84 1.56 22.89
CA GLU A 375 14.94 0.66 23.18
C GLU A 375 14.32 -0.65 23.66
N ALA A 376 13.22 -0.54 24.39
CA ALA A 376 12.51 -1.72 24.89
C ALA A 376 11.87 -2.43 23.71
N GLU A 377 11.31 -1.65 22.79
CA GLU A 377 10.66 -2.20 21.60
C GLU A 377 11.63 -3.06 20.80
N MET A 378 12.81 -2.52 20.53
CA MET A 378 13.82 -3.24 19.77
C MET A 378 14.28 -4.48 20.54
N GLU A 379 14.22 -4.40 21.86
CA GLU A 379 14.60 -5.52 22.71
C GLU A 379 13.60 -6.65 22.46
N LEU A 380 12.32 -6.34 22.62
CA LEU A 380 11.25 -7.33 22.42
C LEU A 380 11.33 -7.89 21.01
N TRP A 381 11.52 -6.99 20.04
CA TRP A 381 11.61 -7.41 18.64
C TRP A 381 12.67 -8.48 18.43
N LYS A 382 13.87 -8.23 18.96
CA LYS A 382 14.98 -9.16 18.82
C LYS A 382 14.68 -10.50 19.50
N LYS A 383 13.92 -10.46 20.58
CA LYS A 383 13.56 -11.69 21.29
C LYS A 383 12.67 -12.56 20.40
N ILE A 384 11.69 -11.91 19.77
CA ILE A 384 10.76 -12.62 18.91
C ILE A 384 11.49 -13.25 17.73
N VAL A 385 12.54 -12.56 17.25
CA VAL A 385 13.32 -13.06 16.14
C VAL A 385 14.17 -14.26 16.54
N TYR A 386 14.97 -14.10 17.59
CA TYR A 386 15.85 -15.17 18.05
C TYR A 386 15.20 -16.28 18.88
N GLU A 387 14.26 -15.92 19.74
CA GLU A 387 13.59 -16.90 20.58
C GLU A 387 12.41 -17.57 19.88
N VAL A 388 11.51 -16.75 19.33
CA VAL A 388 10.31 -17.26 18.66
C VAL A 388 10.52 -17.60 17.19
N HIS A 389 11.62 -17.13 16.61
CA HIS A 389 11.91 -17.36 15.20
C HIS A 389 10.76 -16.87 14.33
N LEU A 390 10.31 -15.65 14.62
CA LEU A 390 9.24 -15.01 13.89
C LEU A 390 9.73 -13.65 13.44
N ASN A 391 9.50 -13.31 12.18
CA ASN A 391 9.91 -12.01 11.69
C ASN A 391 8.70 -11.11 11.48
N ILE A 392 8.65 -10.03 12.24
CA ILE A 392 7.57 -9.06 12.15
C ILE A 392 8.23 -7.68 12.11
N SER A 393 7.44 -6.62 11.92
CA SER A 393 8.00 -5.29 11.84
C SER A 393 7.79 -4.41 13.07
N PRO A 394 8.90 -3.95 13.69
CA PRO A 394 8.76 -3.10 14.88
C PRO A 394 8.16 -1.76 14.43
N GLY A 395 7.21 -1.26 15.20
CA GLY A 395 6.56 -0.01 14.85
C GLY A 395 7.46 1.19 14.61
N SER A 396 8.59 1.26 15.32
CA SER A 396 9.49 2.39 15.14
C SER A 396 10.03 2.43 13.71
N SER A 397 10.08 1.28 13.05
CA SER A 397 10.55 1.23 11.67
C SER A 397 9.53 1.96 10.78
N CYS A 398 8.31 2.10 11.29
CA CYS A 398 7.26 2.80 10.55
C CYS A 398 7.06 4.21 11.11
N HIS A 399 7.97 4.64 11.96
CA HIS A 399 7.91 5.96 12.57
C HIS A 399 6.73 6.20 13.51
N CYS A 400 6.25 5.14 14.15
CA CYS A 400 5.14 5.27 15.09
C CYS A 400 5.69 5.97 16.34
N THR A 401 4.98 6.98 16.83
CA THR A 401 5.45 7.72 18.00
C THR A 401 5.42 6.98 19.32
N GLU A 402 4.60 5.93 19.42
CA GLU A 402 4.55 5.17 20.67
C GLU A 402 5.15 3.78 20.53
N PRO A 403 6.13 3.45 21.37
CA PRO A 403 6.81 2.14 21.35
C PRO A 403 5.83 1.01 21.62
N GLY A 404 6.12 -0.18 21.08
CA GLY A 404 5.25 -1.31 21.35
C GLY A 404 4.32 -1.83 20.27
N TRP A 405 4.13 -1.07 19.20
CA TRP A 405 3.26 -1.54 18.13
C TRP A 405 4.08 -2.29 17.08
N PHE A 406 3.47 -3.28 16.45
CA PHE A 406 4.14 -4.08 15.42
C PHE A 406 3.21 -4.37 14.27
N ARG A 407 3.76 -4.48 13.07
CA ARG A 407 2.96 -4.83 11.90
C ARG A 407 3.19 -6.33 11.71
N VAL A 408 2.10 -7.08 11.58
CA VAL A 408 2.20 -8.53 11.39
C VAL A 408 1.38 -8.91 10.16
N CYS A 409 2.05 -9.41 9.14
CA CYS A 409 1.40 -9.80 7.89
C CYS A 409 0.80 -11.20 8.00
N PHE A 410 -0.28 -11.42 7.26
CA PHE A 410 -0.97 -12.71 7.30
C PHE A 410 -1.38 -13.30 5.96
N ALA A 411 -1.10 -12.60 4.87
CA ALA A 411 -1.51 -13.09 3.55
C ALA A 411 -0.47 -13.79 2.68
N ASN A 412 0.75 -13.94 3.20
CA ASN A 412 1.83 -14.57 2.44
C ASN A 412 2.15 -16.00 2.83
N LEU A 413 1.61 -16.49 3.94
CA LEU A 413 1.91 -17.85 4.36
C LEU A 413 0.71 -18.75 4.48
N PRO A 414 0.94 -20.08 4.42
CA PRO A 414 -0.16 -21.05 4.52
C PRO A 414 -0.82 -20.95 5.90
N GLU A 415 -2.12 -21.17 5.95
CA GLU A 415 -2.88 -21.09 7.19
C GLU A 415 -2.20 -21.88 8.33
N ARG A 416 -1.70 -23.07 8.01
CA ARG A 416 -1.05 -23.90 9.02
C ARG A 416 0.22 -23.28 9.58
N THR A 417 0.98 -22.59 8.73
CA THR A 417 2.21 -21.96 9.20
C THR A 417 1.85 -20.78 10.09
N LEU A 418 0.74 -20.12 9.78
CA LEU A 418 0.27 -18.98 10.57
C LEU A 418 -0.05 -19.48 11.98
N ASP A 419 -0.74 -20.62 12.07
CA ASP A 419 -1.10 -21.21 13.37
C ASP A 419 0.17 -21.58 14.13
N LEU A 420 1.15 -22.15 13.41
CA LEU A 420 2.41 -22.54 14.00
C LEU A 420 3.04 -21.31 14.67
N ALA A 421 3.05 -20.21 13.93
CA ALA A 421 3.61 -18.97 14.42
C ALA A 421 2.92 -18.54 15.71
N MET A 422 1.59 -18.61 15.70
CA MET A 422 0.80 -18.21 16.88
C MET A 422 1.08 -19.06 18.11
N GLN A 423 1.24 -20.37 17.94
CA GLN A 423 1.50 -21.22 19.10
C GLN A 423 2.90 -21.05 19.64
N ARG A 424 3.85 -20.68 18.78
CA ARG A 424 5.21 -20.47 19.24
C ARG A 424 5.23 -19.17 20.04
N LEU A 425 4.46 -18.20 19.58
CA LEU A 425 4.37 -16.90 20.24
C LEU A 425 3.67 -17.07 21.58
N LYS A 426 2.68 -17.96 21.63
CA LYS A 426 1.95 -18.20 22.86
C LYS A 426 2.90 -18.84 23.87
N ALA A 427 3.74 -19.75 23.39
CA ALA A 427 4.72 -20.43 24.23
C ALA A 427 5.68 -19.39 24.80
N PHE A 428 5.95 -18.35 24.00
CA PHE A 428 6.85 -17.28 24.38
C PHE A 428 6.30 -16.40 25.50
N VAL A 429 5.06 -15.92 25.34
CA VAL A 429 4.45 -15.05 26.35
C VAL A 429 4.23 -15.76 27.68
N GLY A 430 4.01 -17.08 27.62
CA GLY A 430 3.80 -17.83 28.85
C GLY A 430 5.11 -18.14 29.54
N GLU A 431 6.20 -18.14 28.77
CA GLU A 431 7.53 -18.44 29.30
C GLU A 431 8.25 -17.23 29.91
N TYR A 432 8.03 -16.04 29.35
CA TYR A 432 8.69 -14.85 29.85
C TYR A 432 7.76 -13.86 30.56
N TYR A 433 6.46 -14.11 30.49
CA TYR A 433 5.50 -13.21 31.14
C TYR A 433 4.48 -14.00 31.96
#